data_2EES
#
_entry.id   2EES
#
_cell.length_a   132.540
_cell.length_b   35.960
_cell.length_c   41.470
_cell.angle_alpha   90.00
_cell.angle_beta   91.31
_cell.angle_gamma   90.00
#
_symmetry.space_group_name_H-M   'C 1 2 1'
#
loop_
_entity.id
_entity.type
_entity.pdbx_description
1 polymer 'Guanine riboswitch'
2 non-polymer 'ACETATE ION'
3 non-polymer 'COBALT HEXAMMINE(III)'
4 non-polymer HYPOXANTHINE
5 water water
#
_entity_poly.entity_id   1
_entity_poly.type   'polyribonucleotide'
_entity_poly.pdbx_seq_one_letter_code
;GGACAUUUAAUCGCGUGGAUAUGGCACGCAAGUUUCUACCGGGCACCGUAAAUGUCCGACAAUGUCC
;
_entity_poly.pdbx_strand_id   A
#